data_4EMO
#
_entry.id   4EMO
#
_cell.length_a   61.550
_cell.length_b   61.550
_cell.length_c   222.813
_cell.angle_alpha   90.000
_cell.angle_beta   90.000
_cell.angle_gamma   90.000
#
_symmetry.space_group_name_H-M   'P 43 21 2'
#
loop_
_entity.id
_entity.type
_entity.pdbx_description
1 polymer Sharpin
2 water water
#
_entity_poly.entity_id   1
_entity_poly.type   'polypeptide(L)'
_entity_poly.pdbx_seq_one_letter_code
;GS(MSE)APPAGGAAAAASDLGSAAVL(MSE)AVHAAVRPLGAGPDAEAQLRRLQLSADPERPGRFRLELLGAGPGAVNL
EWPLESVSYTIRGPTQHELQPPPGGPGTLS(MSE)HFLNPQEAQRWAVLVRGATVEGQNGS
;
_entity_poly.pdbx_strand_id   A,B,C,D
#
# COMPACT_ATOMS: atom_id res chain seq x y z
N ALA A 20 14.44 -4.83 -15.35
CA ALA A 20 14.61 -5.23 -13.93
C ALA A 20 13.36 -5.01 -13.07
N ALA A 21 12.81 -3.79 -13.08
CA ALA A 21 12.16 -3.30 -11.83
C ALA A 21 10.90 -4.08 -11.44
N VAL A 22 10.56 -4.02 -10.15
CA VAL A 22 9.39 -4.75 -9.59
C VAL A 22 8.12 -3.98 -9.85
N LEU A 23 7.19 -4.61 -10.55
CA LEU A 23 5.88 -4.03 -10.75
C LEU A 23 5.04 -4.05 -9.48
N ALA A 25 4.41 -6.74 -5.74
CA ALA A 25 4.67 -7.97 -4.93
C ALA A 25 3.43 -8.28 -4.06
N VAL A 26 3.32 -9.53 -3.61
CA VAL A 26 2.24 -9.92 -2.72
C VAL A 26 2.84 -11.01 -1.81
N HIS A 27 2.31 -11.18 -0.59
CA HIS A 27 2.71 -12.39 0.17
C HIS A 27 1.61 -13.37 0.19
N ALA A 28 1.97 -14.66 0.14
CA ALA A 28 1.01 -15.70 0.28
C ALA A 28 1.70 -16.87 0.98
N ALA A 29 0.91 -17.68 1.65
CA ALA A 29 1.40 -18.94 2.19
C ALA A 29 1.51 -19.92 1.00
N VAL A 30 2.74 -20.34 0.70
CA VAL A 30 2.99 -21.16 -0.50
C VAL A 30 3.26 -22.57 0.00
N ARG A 31 2.50 -23.52 -0.54
CA ARG A 31 2.67 -24.95 -0.24
C ARG A 31 2.98 -25.71 -1.52
N PRO A 32 4.14 -26.37 -1.57
CA PRO A 32 4.41 -27.25 -2.72
C PRO A 32 3.53 -28.48 -2.62
N LEU A 33 2.67 -28.68 -3.59
CA LEU A 33 1.73 -29.80 -3.60
C LEU A 33 2.36 -31.11 -4.02
N GLY A 34 3.57 -31.02 -4.59
CA GLY A 34 4.24 -32.19 -5.18
C GLY A 34 4.70 -33.14 -4.08
N ALA A 35 4.74 -32.62 -2.86
CA ALA A 35 5.43 -33.24 -1.73
C ALA A 35 4.48 -33.91 -0.76
N GLY A 36 3.23 -34.16 -1.16
CA GLY A 36 2.26 -34.78 -0.22
C GLY A 36 1.53 -33.82 0.73
N PRO A 37 0.49 -34.32 1.41
CA PRO A 37 -0.34 -33.45 2.27
C PRO A 37 0.46 -32.79 3.40
N ASP A 38 1.61 -33.33 3.75
CA ASP A 38 2.31 -32.82 4.93
C ASP A 38 3.47 -31.83 4.72
N ALA A 39 3.81 -31.52 3.47
CA ALA A 39 4.82 -30.48 3.23
C ALA A 39 4.23 -29.17 3.81
N GLU A 40 5.08 -28.34 4.42
CA GLU A 40 4.61 -27.18 5.16
C GLU A 40 4.39 -25.99 4.19
N ALA A 41 3.42 -25.13 4.50
CA ALA A 41 3.24 -23.82 3.81
C ALA A 41 4.10 -22.81 4.53
N GLN A 42 4.74 -21.94 3.76
CA GLN A 42 5.46 -20.78 4.35
C GLN A 42 4.94 -19.57 3.69
N LEU A 43 4.91 -18.48 4.45
CA LEU A 43 4.58 -17.19 3.85
C LEU A 43 5.75 -16.71 2.94
N ARG A 44 5.51 -16.49 1.65
CA ARG A 44 6.61 -16.08 0.78
C ARG A 44 6.12 -14.90 -0.07
N ARG A 45 7.08 -14.17 -0.64
CA ARG A 45 6.80 -13.06 -1.54
C ARG A 45 6.86 -13.56 -2.95
N LEU A 46 5.85 -13.17 -3.72
CA LEU A 46 5.76 -13.35 -5.15
C LEU A 46 5.68 -11.96 -5.71
N GLN A 47 6.27 -11.80 -6.88
CA GLN A 47 6.24 -10.48 -7.54
C GLN A 47 6.32 -10.59 -9.06
N LEU A 48 5.91 -9.52 -9.71
CA LEU A 48 5.98 -9.39 -11.15
C LEU A 48 7.05 -8.32 -11.49
N SER A 49 7.97 -8.62 -12.40
CA SER A 49 8.95 -7.59 -12.80
C SER A 49 9.03 -7.56 -14.30
N ALA A 50 9.37 -6.39 -14.82
CA ALA A 50 9.78 -6.15 -16.19
C ALA A 50 10.73 -7.20 -16.73
N ASP A 51 10.42 -7.74 -17.89
CA ASP A 51 11.34 -8.67 -18.53
C ASP A 51 12.32 -7.78 -19.38
N PRO A 52 13.60 -7.72 -18.99
CA PRO A 52 14.53 -6.80 -19.67
C PRO A 52 14.80 -7.26 -21.11
N GLU A 53 14.61 -8.55 -21.37
CA GLU A 53 14.82 -9.13 -22.70
C GLU A 53 13.55 -9.15 -23.56
N ARG A 54 12.42 -8.64 -23.04
CA ARG A 54 11.18 -8.60 -23.81
C ARG A 54 10.39 -7.36 -23.40
N PRO A 55 10.70 -6.23 -24.03
CA PRO A 55 10.04 -5.00 -23.63
C PRO A 55 8.51 -5.18 -23.52
N GLY A 56 7.94 -4.70 -22.43
CA GLY A 56 6.48 -4.77 -22.27
C GLY A 56 5.92 -6.06 -21.68
N ARG A 57 6.70 -7.15 -21.67
CA ARG A 57 6.32 -8.44 -21.01
C ARG A 57 6.89 -8.63 -19.59
N PHE A 58 6.39 -9.61 -18.83
CA PHE A 58 6.76 -9.67 -17.43
C PHE A 58 7.23 -11.04 -17.02
N ARG A 59 8.06 -11.07 -15.99
CA ARG A 59 8.37 -12.31 -15.32
C ARG A 59 7.73 -12.38 -13.94
N LEU A 60 7.38 -13.59 -13.58
CA LEU A 60 6.90 -13.90 -12.24
C LEU A 60 8.09 -14.42 -11.41
N GLU A 61 8.31 -13.82 -10.25
CA GLU A 61 9.40 -14.27 -9.34
C GLU A 61 8.80 -14.82 -8.07
N LEU A 62 9.27 -16.00 -7.62
CA LEU A 62 8.85 -16.53 -6.33
C LEU A 62 10.14 -16.42 -5.50
N LEU A 63 10.17 -15.54 -4.54
CA LEU A 63 11.40 -15.35 -3.79
C LEU A 63 11.68 -16.56 -2.85
N GLY A 64 12.93 -16.81 -2.57
CA GLY A 64 13.35 -17.95 -1.72
C GLY A 64 12.76 -17.94 -0.34
N ALA A 65 12.80 -19.14 0.28
CA ALA A 65 12.15 -19.39 1.57
C ALA A 65 12.83 -18.64 2.76
N GLY A 66 14.08 -18.19 2.57
CA GLY A 66 14.75 -17.37 3.60
C GLY A 66 15.71 -16.45 2.87
N PRO A 67 16.11 -15.33 3.50
CA PRO A 67 17.02 -14.46 2.77
C PRO A 67 18.34 -15.20 2.42
N GLY A 68 18.91 -14.84 1.27
CA GLY A 68 20.15 -15.42 0.71
C GLY A 68 19.89 -16.67 -0.17
N ALA A 69 18.63 -17.11 -0.22
CA ALA A 69 18.19 -18.24 -1.04
C ALA A 69 17.99 -17.80 -2.50
N VAL A 70 18.05 -18.77 -3.42
CA VAL A 70 17.71 -18.61 -4.83
C VAL A 70 16.25 -18.19 -4.98
N ASN A 71 15.99 -17.28 -5.89
CA ASN A 71 14.63 -16.83 -6.23
C ASN A 71 14.31 -17.53 -7.55
N LEU A 72 13.09 -18.04 -7.71
CA LEU A 72 12.73 -18.72 -8.95
C LEU A 72 12.13 -17.64 -9.84
N GLU A 73 12.33 -17.70 -11.16
CA GLU A 73 11.70 -16.66 -12.04
C GLU A 73 11.27 -17.39 -13.24
N TRP A 74 10.09 -17.06 -13.77
CA TRP A 74 9.67 -17.60 -15.06
C TRP A 74 9.07 -16.49 -15.92
N PRO A 75 9.29 -16.54 -17.25
CA PRO A 75 8.39 -15.71 -18.09
C PRO A 75 6.94 -16.07 -17.81
N LEU A 76 6.09 -15.03 -17.76
CA LEU A 76 4.78 -15.21 -17.22
C LEU A 76 3.99 -16.16 -18.11
N GLU A 77 4.18 -16.02 -19.41
CA GLU A 77 3.56 -16.95 -20.37
C GLU A 77 3.95 -18.44 -20.16
N SER A 78 5.09 -18.73 -19.52
CA SER A 78 5.49 -20.13 -19.27
C SER A 78 4.75 -20.80 -18.17
N VAL A 79 3.90 -20.05 -17.48
CA VAL A 79 3.25 -20.56 -16.28
C VAL A 79 1.73 -20.77 -16.46
N SER A 80 1.13 -21.75 -15.76
CA SER A 80 -0.31 -21.73 -15.58
C SER A 80 -0.72 -21.22 -14.21
N TYR A 81 -1.59 -20.22 -14.22
CA TYR A 81 -1.99 -19.48 -12.99
C TYR A 81 -3.44 -19.65 -12.93
N THR A 82 -3.92 -20.31 -11.88
CA THR A 82 -5.35 -20.49 -11.78
C THR A 82 -5.89 -20.02 -10.44
N ILE A 83 -7.07 -19.44 -10.47
CA ILE A 83 -7.74 -19.02 -9.26
C ILE A 83 -8.70 -20.14 -8.87
N ARG A 84 -8.51 -20.66 -7.67
CA ARG A 84 -9.31 -21.72 -7.08
C ARG A 84 -10.39 -21.15 -6.21
N GLY A 85 -10.24 -19.91 -5.74
CA GLY A 85 -11.19 -19.33 -4.76
C GLY A 85 -10.73 -17.93 -4.37
N PRO A 86 -11.51 -17.21 -3.56
CA PRO A 86 -11.25 -15.81 -3.29
C PRO A 86 -9.92 -15.57 -2.57
N THR A 87 -9.42 -16.55 -1.83
CA THR A 87 -8.11 -16.46 -1.20
C THR A 87 -7.19 -17.63 -1.58
N GLN A 88 -7.44 -18.26 -2.71
CA GLN A 88 -6.63 -19.42 -3.08
C GLN A 88 -6.36 -19.47 -4.53
N HIS A 89 -5.07 -19.45 -4.84
CA HIS A 89 -4.66 -19.55 -6.19
C HIS A 89 -3.75 -20.77 -6.36
N GLU A 90 -3.45 -21.10 -7.61
CA GLU A 90 -2.56 -22.19 -7.89
C GLU A 90 -1.59 -21.81 -8.98
N LEU A 91 -0.31 -22.10 -8.76
CA LEU A 91 0.68 -21.80 -9.76
C LEU A 91 1.30 -23.10 -10.30
N GLN A 92 1.24 -23.34 -11.61
CA GLN A 92 1.92 -24.52 -12.21
C GLN A 92 3.06 -24.02 -13.07
N PRO A 93 4.28 -24.14 -12.57
CA PRO A 93 5.51 -23.74 -13.27
C PRO A 93 5.88 -24.78 -14.34
N PRO A 94 6.82 -24.45 -15.29
CA PRO A 94 7.27 -25.50 -16.23
C PRO A 94 7.92 -26.63 -15.45
N PRO A 95 8.00 -27.84 -16.03
CA PRO A 95 8.66 -28.97 -15.37
C PRO A 95 10.11 -28.72 -14.97
N GLY A 96 10.59 -29.45 -13.98
CA GLY A 96 11.94 -29.25 -13.56
C GLY A 96 12.07 -28.39 -12.34
N GLY A 97 11.03 -27.63 -12.00
CA GLY A 97 11.16 -26.66 -10.91
C GLY A 97 10.55 -27.19 -9.62
N PRO A 98 9.80 -26.33 -8.89
CA PRO A 98 9.26 -26.72 -7.58
C PRO A 98 7.97 -27.56 -7.67
N GLY A 99 7.45 -27.82 -8.87
CA GLY A 99 6.13 -28.44 -9.03
C GLY A 99 4.98 -27.46 -8.77
N THR A 100 3.74 -27.95 -8.89
CA THR A 100 2.57 -27.15 -8.67
C THR A 100 2.53 -26.55 -7.24
N LEU A 101 2.21 -25.26 -7.12
CA LEU A 101 2.17 -24.59 -5.81
C LEU A 101 0.76 -24.04 -5.49
N SER A 102 0.28 -24.29 -4.27
CA SER A 102 -0.95 -23.72 -3.72
C SER A 102 -0.52 -22.37 -3.12
N HIS A 104 -2.13 -19.39 -0.62
CA HIS A 104 -3.30 -18.94 0.15
C HIS A 104 -2.99 -17.53 0.62
N PHE A 105 -3.91 -16.59 0.37
CA PHE A 105 -3.72 -15.14 0.61
C PHE A 105 -4.28 -14.74 1.96
N LEU A 106 -3.76 -13.68 2.57
CA LEU A 106 -4.25 -13.28 3.88
C LEU A 106 -5.62 -12.66 3.84
N ASN A 107 -6.03 -12.14 2.69
CA ASN A 107 -7.40 -11.69 2.50
C ASN A 107 -7.75 -11.63 1.02
N PRO A 108 -9.07 -11.54 0.69
CA PRO A 108 -9.60 -11.56 -0.67
C PRO A 108 -9.16 -10.35 -1.51
N GLN A 109 -8.98 -9.20 -0.90
CA GLN A 109 -8.64 -7.98 -1.65
C GLN A 109 -7.24 -8.01 -2.26
N GLU A 110 -6.22 -8.40 -1.47
CA GLU A 110 -4.85 -8.65 -1.95
C GLU A 110 -4.84 -9.67 -3.01
N ALA A 111 -5.56 -10.76 -2.77
CA ALA A 111 -5.67 -11.86 -3.74
C ALA A 111 -6.25 -11.40 -5.08
N GLN A 112 -7.35 -10.65 -5.02
CA GLN A 112 -7.97 -10.10 -6.22
C GLN A 112 -7.11 -9.07 -6.96
N ARG A 113 -6.55 -8.12 -6.20
CA ARG A 113 -5.68 -7.13 -6.85
C ARG A 113 -4.56 -7.82 -7.60
N TRP A 114 -3.92 -8.78 -6.92
CA TRP A 114 -2.86 -9.55 -7.56
C TRP A 114 -3.39 -10.34 -8.76
N ALA A 115 -4.52 -11.06 -8.62
CA ALA A 115 -5.03 -11.82 -9.79
C ALA A 115 -5.25 -10.94 -11.02
N VAL A 116 -5.83 -9.77 -10.76
CA VAL A 116 -6.04 -8.81 -11.88
C VAL A 116 -4.76 -8.34 -12.49
N LEU A 117 -3.77 -8.08 -11.64
CA LEU A 117 -2.51 -7.68 -12.13
C LEU A 117 -1.86 -8.81 -12.97
N VAL A 118 -1.90 -10.01 -12.46
CA VAL A 118 -1.38 -11.13 -13.27
C VAL A 118 -2.09 -11.21 -14.63
N ARG A 119 -3.41 -11.18 -14.63
CA ARG A 119 -4.14 -11.20 -15.89
C ARG A 119 -3.73 -10.02 -16.85
N GLY A 120 -3.65 -8.81 -16.33
CA GLY A 120 -3.16 -7.65 -17.11
C GLY A 120 -1.75 -7.85 -17.63
N ALA A 121 -0.85 -8.42 -16.82
CA ALA A 121 0.53 -8.64 -17.26
C ALA A 121 0.69 -9.73 -18.36
N THR A 122 -0.26 -10.66 -18.43
CA THR A 122 -0.18 -11.80 -19.35
C THR A 122 -0.57 -11.42 -20.78
N VAL A 123 0.23 -11.85 -21.75
CA VAL A 123 0.00 -11.48 -23.17
C VAL A 123 -0.11 -12.71 -24.07
N ALA B 21 14.48 6.70 2.41
CA ALA B 21 14.30 7.60 3.55
C ALA B 21 12.80 7.82 3.88
N VAL B 22 11.85 7.45 3.01
CA VAL B 22 10.43 7.83 3.20
C VAL B 22 9.73 6.80 4.09
N LEU B 23 9.16 7.27 5.20
CA LEU B 23 8.36 6.40 6.08
C LEU B 23 6.98 6.17 5.49
N ALA B 25 3.94 8.03 2.47
CA ALA B 25 3.35 9.05 1.60
C ALA B 25 1.83 8.95 1.76
N VAL B 26 1.15 10.10 1.73
CA VAL B 26 -0.32 10.17 1.83
C VAL B 26 -0.74 11.38 1.00
N HIS B 27 -1.94 11.41 0.46
CA HIS B 27 -2.45 12.60 -0.21
C HIS B 27 -3.59 13.25 0.53
N ALA B 28 -3.63 14.57 0.46
CA ALA B 28 -4.67 15.31 1.17
C ALA B 28 -4.91 16.64 0.47
N ALA B 29 -6.16 17.17 0.49
CA ALA B 29 -6.39 18.47 -0.25
C ALA B 29 -5.93 19.61 0.70
N VAL B 30 -5.11 20.53 0.21
CA VAL B 30 -4.48 21.51 1.13
C VAL B 30 -5.02 22.94 0.74
N ARG B 31 -5.39 23.74 1.75
CA ARG B 31 -5.67 25.19 1.49
C ARG B 31 -5.18 25.92 2.73
N PRO B 32 -4.90 27.21 2.59
CA PRO B 32 -4.69 28.04 3.80
C PRO B 32 -5.92 28.02 4.74
N LEU B 33 -5.69 27.78 6.04
CA LEU B 33 -6.79 27.65 6.98
C LEU B 33 -7.64 28.96 7.02
N GLY B 34 -6.98 30.06 6.82
CA GLY B 34 -7.75 31.29 6.69
C GLY B 34 -8.02 31.58 5.22
N ALA B 35 -9.13 31.07 4.67
CA ALA B 35 -9.43 31.29 3.24
C ALA B 35 -10.89 31.17 2.94
N GLY B 36 -11.35 31.98 1.98
CA GLY B 36 -12.76 32.02 1.55
C GLY B 36 -13.20 30.78 0.82
N ALA B 39 -9.35 29.88 -1.79
CA ALA B 39 -10.61 29.21 -1.53
C ALA B 39 -10.51 27.73 -1.94
N GLU B 40 -10.01 27.48 -3.16
CA GLU B 40 -9.85 26.11 -3.67
C GLU B 40 -8.73 25.34 -2.95
N ALA B 41 -9.02 24.10 -2.63
CA ALA B 41 -8.04 23.23 -1.99
C ALA B 41 -7.41 22.43 -3.11
N GLN B 42 -6.09 22.19 -3.07
CA GLN B 42 -5.45 21.33 -4.06
C GLN B 42 -4.92 20.04 -3.42
N LEU B 43 -5.07 18.88 -4.07
CA LEU B 43 -4.49 17.65 -3.57
C LEU B 43 -2.99 17.74 -3.65
N ARG B 44 -2.30 17.31 -2.62
CA ARG B 44 -0.86 17.31 -2.56
C ARG B 44 -0.45 16.00 -1.97
N ARG B 45 0.74 15.56 -2.28
CA ARG B 45 1.33 14.39 -1.55
C ARG B 45 2.12 14.90 -0.35
N LEU B 46 1.78 14.38 0.82
CA LEU B 46 2.55 14.62 2.05
C LEU B 46 3.46 13.40 2.23
N GLN B 47 4.74 13.63 2.54
CA GLN B 47 5.69 12.56 2.93
C GLN B 47 6.36 12.81 4.21
N LEU B 48 6.53 11.74 4.98
CA LEU B 48 7.29 11.88 6.17
C LEU B 48 8.58 11.08 5.93
N SER B 49 9.73 11.68 6.14
CA SER B 49 10.94 10.91 5.87
C SER B 49 11.96 11.12 6.99
N ALA B 50 12.97 10.25 7.09
CA ALA B 50 14.01 10.50 8.10
C ALA B 50 14.99 11.58 7.62
N ASP B 51 15.58 12.33 8.56
CA ASP B 51 16.49 13.39 8.17
C ASP B 51 17.96 12.86 8.12
N PRO B 52 18.53 12.72 6.89
CA PRO B 52 19.86 12.14 6.62
C PRO B 52 21.01 12.81 7.38
N GLU B 53 20.97 14.14 7.47
CA GLU B 53 21.97 14.91 8.21
C GLU B 53 21.78 14.93 9.72
N ARG B 54 20.64 14.43 10.19
CA ARG B 54 20.37 14.51 11.61
C ARG B 54 19.70 13.23 12.07
N PRO B 55 20.50 12.20 12.38
CA PRO B 55 19.96 10.86 12.65
C PRO B 55 18.99 10.92 13.82
N GLY B 56 18.00 10.05 13.80
CA GLY B 56 16.93 10.14 14.77
C GLY B 56 15.94 11.30 14.57
N ARG B 57 16.03 12.02 13.44
CA ARG B 57 15.13 13.17 13.19
C ARG B 57 14.37 12.99 11.90
N PHE B 58 13.30 13.76 11.72
CA PHE B 58 12.44 13.61 10.56
C PHE B 58 12.13 14.93 9.82
N ARG B 59 11.75 14.82 8.55
CA ARG B 59 11.33 15.95 7.74
C ARG B 59 9.93 15.64 7.29
N LEU B 60 9.14 16.70 7.18
CA LEU B 60 7.84 16.61 6.51
C LEU B 60 7.88 17.30 5.17
N GLU B 61 7.49 16.60 4.09
CA GLU B 61 7.42 17.24 2.78
C GLU B 61 6.00 17.38 2.26
N LEU B 62 5.76 18.48 1.58
CA LEU B 62 4.49 18.73 0.94
C LEU B 62 4.80 18.94 -0.53
N LEU B 63 4.51 17.93 -1.33
CA LEU B 63 4.82 17.99 -2.74
C LEU B 63 3.62 18.38 -3.55
N GLY B 64 3.77 19.50 -4.29
CA GLY B 64 2.89 19.87 -5.42
C GLY B 64 2.94 18.89 -6.55
N ALA B 69 7.06 22.18 -7.84
CA ALA B 69 6.47 23.18 -8.70
C ALA B 69 5.21 23.79 -8.07
N VAL B 70 5.29 24.36 -6.84
CA VAL B 70 6.45 24.37 -5.95
C VAL B 70 6.20 23.52 -4.69
N ASN B 71 7.20 22.74 -4.30
CA ASN B 71 7.18 21.87 -3.13
C ASN B 71 7.82 22.46 -1.88
N LEU B 72 7.29 22.07 -0.72
CA LEU B 72 7.69 22.51 0.61
C LEU B 72 8.28 21.38 1.44
N GLU B 73 9.21 21.74 2.33
CA GLU B 73 9.79 20.78 3.25
C GLU B 73 10.30 21.41 4.49
N TRP B 74 10.10 20.73 5.61
CA TRP B 74 10.49 21.28 6.90
C TRP B 74 11.04 20.17 7.75
N PRO B 75 12.00 20.52 8.68
CA PRO B 75 12.26 19.66 9.82
C PRO B 75 10.98 19.54 10.60
N LEU B 76 10.67 18.30 11.03
CA LEU B 76 9.38 18.02 11.65
C LEU B 76 9.28 18.84 12.93
N GLU B 77 10.39 19.01 13.63
CA GLU B 77 10.38 19.77 14.86
C GLU B 77 10.00 21.27 14.68
N SER B 78 9.99 21.76 13.46
CA SER B 78 9.77 23.17 13.20
C SER B 78 8.32 23.47 12.98
N VAL B 79 7.49 22.41 12.90
CA VAL B 79 6.09 22.54 12.44
C VAL B 79 5.21 22.14 13.63
N SER B 80 3.95 22.61 13.76
CA SER B 80 3.06 22.00 14.75
C SER B 80 1.83 21.47 14.00
N TYR B 81 1.56 20.20 14.27
CA TYR B 81 0.59 19.40 13.49
C TYR B 81 -0.50 18.98 14.48
N THR B 82 -1.79 19.27 14.21
CA THR B 82 -2.86 18.81 15.08
C THR B 82 -4.03 18.30 14.24
N ILE B 83 -4.90 17.50 14.89
CA ILE B 83 -6.04 16.83 14.14
C ILE B 83 -7.27 17.63 14.55
N ARG B 84 -8.12 18.06 13.62
CA ARG B 84 -9.27 18.90 13.99
C ARG B 84 -10.59 18.22 13.86
N GLY B 85 -10.61 17.17 13.02
CA GLY B 85 -11.86 16.43 12.74
C GLY B 85 -11.52 15.09 12.09
N PRO B 86 -12.54 14.27 11.78
CA PRO B 86 -12.23 12.94 11.22
C PRO B 86 -11.27 12.95 10.02
N THR B 87 -11.42 13.90 9.08
CA THR B 87 -10.50 13.91 7.92
C THR B 87 -9.81 15.26 7.78
N GLN B 88 -9.82 16.10 8.84
CA GLN B 88 -9.19 17.44 8.67
C GLN B 88 -8.11 17.65 9.71
N HIS B 89 -6.92 17.94 9.24
CA HIS B 89 -5.80 18.19 10.14
C HIS B 89 -5.30 19.61 9.84
N GLU B 90 -4.41 20.12 10.69
CA GLU B 90 -3.92 21.49 10.50
C GLU B 90 -2.44 21.42 10.72
N LEU B 91 -1.69 22.09 9.83
CA LEU B 91 -0.28 22.12 9.97
C LEU B 91 0.17 23.58 10.10
N GLN B 92 0.86 23.97 11.19
CA GLN B 92 1.43 25.35 11.26
C GLN B 92 2.92 25.32 10.86
N PRO B 93 3.26 25.79 9.66
CA PRO B 93 4.66 25.89 9.19
C PRO B 93 5.46 26.85 10.09
N PRO B 94 6.83 26.80 10.04
CA PRO B 94 7.65 27.77 10.81
C PRO B 94 7.38 29.20 10.33
N PRO B 95 7.78 30.24 11.09
CA PRO B 95 7.45 31.64 10.71
C PRO B 95 8.00 32.10 9.37
N GLY B 96 7.33 33.06 8.75
CA GLY B 96 7.83 33.84 7.61
C GLY B 96 7.35 33.44 6.21
N GLY B 97 6.77 32.26 6.08
CA GLY B 97 6.29 31.82 4.77
C GLY B 97 4.77 31.63 4.75
N PRO B 98 4.29 30.45 4.26
CA PRO B 98 2.86 30.06 4.21
C PRO B 98 2.24 30.14 5.62
N GLY B 99 0.98 30.57 5.75
CA GLY B 99 0.30 30.54 7.04
C GLY B 99 -0.12 29.09 7.38
N THR B 100 -0.94 28.92 8.41
CA THR B 100 -1.48 27.62 8.79
C THR B 100 -2.23 26.96 7.63
N LEU B 101 -1.93 25.68 7.43
CA LEU B 101 -2.53 24.95 6.30
C LEU B 101 -3.49 23.92 6.83
N SER B 102 -4.61 23.78 6.12
CA SER B 102 -5.60 22.84 6.44
C SER B 102 -5.41 21.67 5.42
N HIS B 104 -7.13 18.09 4.03
CA HIS B 104 -8.38 17.37 4.01
C HIS B 104 -8.18 15.99 3.44
N PHE B 105 -8.21 14.95 4.28
CA PHE B 105 -7.96 13.60 3.78
C PHE B 105 -9.16 12.93 3.09
N LEU B 106 -8.89 11.93 2.27
CA LEU B 106 -9.98 11.31 1.49
C LEU B 106 -10.84 10.36 2.37
N ASN B 107 -10.28 9.82 3.44
CA ASN B 107 -11.10 9.03 4.38
C ASN B 107 -10.37 9.01 5.74
N PRO B 108 -11.07 8.65 6.82
CA PRO B 108 -10.44 8.80 8.11
C PRO B 108 -9.34 7.77 8.39
N GLN B 109 -9.29 6.65 7.66
CA GLN B 109 -8.27 5.59 7.90
C GLN B 109 -6.90 6.05 7.37
N GLU B 110 -6.90 6.76 6.25
CA GLU B 110 -5.62 7.30 5.74
C GLU B 110 -5.15 8.44 6.64
N ALA B 111 -6.12 9.29 7.06
CA ALA B 111 -5.81 10.36 8.01
C ALA B 111 -5.23 9.76 9.29
N GLN B 112 -5.86 8.70 9.77
CA GLN B 112 -5.46 8.11 11.04
C GLN B 112 -4.05 7.52 11.02
N ARG B 113 -3.76 6.72 9.99
CA ARG B 113 -2.44 6.05 10.07
C ARG B 113 -1.29 7.09 9.87
N TRP B 114 -1.58 8.11 9.09
CA TRP B 114 -0.61 9.23 8.98
C TRP B 114 -0.45 9.97 10.30
N ALA B 115 -1.58 10.31 10.93
CA ALA B 115 -1.47 11.06 12.18
C ALA B 115 -0.69 10.28 13.23
N VAL B 116 -0.96 8.97 13.31
CA VAL B 116 -0.28 8.15 14.34
C VAL B 116 1.22 8.08 14.05
N LEU B 117 1.56 7.92 12.78
CA LEU B 117 2.97 7.91 12.33
C LEU B 117 3.69 9.24 12.69
N VAL B 118 3.06 10.37 12.35
CA VAL B 118 3.61 11.70 12.65
C VAL B 118 3.78 11.88 14.16
N ARG B 119 2.82 11.42 14.97
CA ARG B 119 2.95 11.47 16.40
C ARG B 119 4.17 10.69 16.86
N GLY B 120 4.38 9.46 16.35
CA GLY B 120 5.58 8.72 16.82
C GLY B 120 6.88 9.38 16.34
N ALA B 121 6.86 9.95 15.16
CA ALA B 121 8.03 10.69 14.69
C ALA B 121 8.36 11.94 15.55
N THR B 122 7.32 12.60 16.02
CA THR B 122 7.47 13.78 16.85
C THR B 122 8.05 13.45 18.20
N VAL B 123 7.53 12.38 18.79
CA VAL B 123 7.96 11.89 20.10
C VAL B 123 9.40 11.37 20.04
N GLU B 124 9.72 10.72 18.92
CA GLU B 124 10.96 9.99 18.70
C GLU B 124 12.06 11.03 18.53
N GLY B 125 11.84 11.94 17.58
CA GLY B 125 12.75 13.06 17.32
C GLY B 125 12.75 14.20 18.34
N GLN B 126 12.02 14.07 19.44
CA GLN B 126 12.13 15.10 20.51
C GLN B 126 13.37 14.87 21.40
N ALA C 4 4.33 -3.09 -2.89
CA ALA C 4 3.97 -4.31 -2.14
C ALA C 4 2.89 -4.04 -1.11
N PRO C 5 1.64 -3.75 -1.57
CA PRO C 5 0.56 -3.48 -0.62
C PRO C 5 0.27 -4.78 0.18
N PRO C 6 -0.10 -4.66 1.47
CA PRO C 6 -0.31 -3.39 2.21
C PRO C 6 0.96 -2.88 2.95
N ALA C 7 2.05 -3.67 2.97
CA ALA C 7 3.24 -3.33 3.81
C ALA C 7 4.19 -2.25 3.21
N GLY C 8 4.14 -2.14 1.87
CA GLY C 8 5.03 -1.25 1.14
C GLY C 8 6.47 -1.73 0.97
N GLY C 9 7.29 -0.93 0.27
CA GLY C 9 8.72 -1.27 0.02
C GLY C 9 9.64 -0.49 0.95
N ALA C 10 10.47 0.37 0.36
CA ALA C 10 11.21 1.42 1.08
C ALA C 10 10.25 2.28 1.93
N ALA C 11 9.00 2.46 1.45
CA ALA C 11 8.02 3.38 2.08
C ALA C 11 6.63 2.76 2.22
N ALA C 12 5.86 3.22 3.21
CA ALA C 12 4.43 2.96 3.26
C ALA C 12 3.67 3.93 2.32
N ALA C 13 2.61 3.44 1.68
CA ALA C 13 1.68 4.31 0.95
C ALA C 13 0.36 4.20 1.69
N ALA C 14 -0.09 5.33 2.29
CA ALA C 14 -1.36 5.40 3.00
C ALA C 14 -2.47 4.87 2.13
N SER C 15 -2.32 4.96 0.81
CA SER C 15 -3.34 4.51 -0.15
C SER C 15 -3.42 2.98 -0.33
N ASP C 16 -2.37 2.25 0.07
CA ASP C 16 -2.36 0.76 0.03
C ASP C 16 -3.52 0.21 0.84
N LEU C 17 -3.56 0.58 2.12
CA LEU C 17 -4.62 0.11 2.99
C LEU C 17 -5.89 0.97 2.77
N GLY C 18 -5.71 2.24 2.38
CA GLY C 18 -6.85 3.13 2.06
C GLY C 18 -7.81 3.08 3.23
N SER C 19 -9.05 2.72 2.91
CA SER C 19 -10.27 2.60 3.74
C SER C 19 -10.21 1.59 4.88
N ALA C 20 -9.43 0.53 4.71
CA ALA C 20 -9.36 -0.59 5.70
C ALA C 20 -8.96 -0.06 7.10
N ALA C 21 -9.50 -0.63 8.21
CA ALA C 21 -9.11 -0.19 9.56
C ALA C 21 -7.75 -0.71 10.13
N VAL C 22 -6.85 -1.15 9.27
CA VAL C 22 -5.48 -1.50 9.71
C VAL C 22 -4.67 -0.26 9.42
N LEU C 23 -3.92 0.20 10.42
CA LEU C 23 -3.05 1.34 10.17
C LEU C 23 -1.87 0.97 9.30
N ALA C 25 0.64 -2.75 8.09
CA ALA C 25 0.99 -4.16 8.16
C ALA C 25 2.45 -4.25 7.75
N VAL C 26 3.25 -5.08 8.42
CA VAL C 26 4.62 -5.38 7.98
C VAL C 26 4.82 -6.92 8.07
N HIS C 27 5.95 -7.42 7.60
CA HIS C 27 6.27 -8.85 7.71
C HIS C 27 7.61 -9.04 8.34
N ALA C 28 7.71 -9.99 9.27
CA ALA C 28 8.99 -10.24 9.91
C ALA C 28 9.07 -11.76 10.18
N ALA C 29 10.30 -12.24 10.40
CA ALA C 29 10.51 -13.66 10.74
C ALA C 29 10.39 -13.67 12.25
N VAL C 30 9.37 -14.37 12.72
CA VAL C 30 9.01 -14.37 14.13
C VAL C 30 9.45 -15.71 14.76
N ARG C 31 10.23 -15.60 15.84
CA ARG C 31 10.70 -16.78 16.56
C ARG C 31 10.32 -16.68 18.02
N PRO C 32 9.58 -17.67 18.52
CA PRO C 32 9.38 -17.76 19.95
C PRO C 32 10.73 -17.91 20.64
N LEU C 33 10.96 -17.12 21.68
CA LEU C 33 12.17 -17.23 22.48
C LEU C 33 12.10 -18.32 23.56
N GLY C 34 10.94 -18.98 23.68
CA GLY C 34 10.73 -20.12 24.59
C GLY C 34 10.85 -21.50 23.92
N ALA C 39 14.30 -24.63 16.10
CA ALA C 39 13.79 -23.47 16.85
C ALA C 39 13.42 -22.33 15.86
N GLU C 40 12.30 -22.52 15.14
CA GLU C 40 12.15 -21.92 13.80
C GLU C 40 11.50 -20.50 13.73
N ALA C 41 12.22 -19.60 13.13
CA ALA C 41 11.66 -18.32 12.77
C ALA C 41 10.75 -18.46 11.51
N GLN C 42 9.48 -18.10 11.63
CA GLN C 42 8.57 -18.18 10.49
C GLN C 42 8.19 -16.75 10.05
N LEU C 43 8.18 -16.49 8.75
CA LEU C 43 7.68 -15.18 8.27
C LEU C 43 6.22 -15.02 8.59
N ARG C 44 5.83 -13.90 9.20
CA ARG C 44 4.44 -13.66 9.57
C ARG C 44 4.07 -12.22 9.25
N ARG C 45 2.78 -11.99 9.12
CA ARG C 45 2.29 -10.59 9.02
C ARG C 45 2.03 -10.06 10.43
N LEU C 46 2.57 -8.86 10.71
CA LEU C 46 2.32 -8.17 11.98
C LEU C 46 1.54 -6.92 11.62
N GLN C 47 0.53 -6.58 12.39
CA GLN C 47 -0.18 -5.37 11.98
C GLN C 47 -0.83 -4.70 13.18
N LEU C 48 -1.10 -3.41 13.05
CA LEU C 48 -1.70 -2.65 14.15
C LEU C 48 -3.03 -2.08 13.62
N SER C 49 -4.11 -2.21 14.36
CA SER C 49 -5.38 -1.58 14.00
C SER C 49 -5.96 -0.88 15.25
N ALA C 50 -6.84 0.14 15.09
CA ALA C 50 -7.64 0.62 16.21
C ALA C 50 -8.42 -0.58 16.84
N ASP C 51 -8.61 -0.56 18.14
CA ASP C 51 -9.30 -1.70 18.78
C ASP C 51 -10.80 -1.46 18.75
N PRO C 52 -11.56 -2.30 18.03
CA PRO C 52 -13.03 -2.12 17.99
C PRO C 52 -13.69 -2.14 19.40
N GLU C 53 -13.11 -2.92 20.29
CA GLU C 53 -13.73 -3.11 21.58
C GLU C 53 -13.21 -2.09 22.58
N ARG C 54 -12.23 -1.28 22.21
CA ARG C 54 -11.70 -0.27 23.13
C ARG C 54 -11.38 1.02 22.33
N PRO C 55 -12.41 1.85 22.03
CA PRO C 55 -12.19 3.09 21.30
C PRO C 55 -11.06 3.94 21.92
N GLY C 56 -10.27 4.57 21.04
CA GLY C 56 -9.10 5.29 21.47
C GLY C 56 -7.84 4.43 21.69
N ARG C 57 -7.92 3.14 21.40
CA ARG C 57 -6.81 2.22 21.70
C ARG C 57 -6.57 1.34 20.49
N PHE C 58 -5.51 0.51 20.57
CA PHE C 58 -5.00 -0.21 19.41
C PHE C 58 -4.77 -1.67 19.76
N ARG C 59 -4.82 -2.53 18.74
CA ARG C 59 -4.50 -3.93 18.93
C ARG C 59 -3.40 -4.35 17.93
N LEU C 60 -2.49 -5.19 18.40
CA LEU C 60 -1.49 -5.79 17.61
C LEU C 60 -1.98 -7.17 17.19
N GLU C 61 -1.81 -7.50 15.92
CA GLU C 61 -2.15 -8.83 15.43
C GLU C 61 -0.93 -9.43 14.79
N LEU C 62 -0.72 -10.73 15.01
CA LEU C 62 0.32 -11.44 14.28
C LEU C 62 -0.41 -12.56 13.50
N LEU C 63 -0.26 -12.54 12.18
CA LEU C 63 -1.10 -13.41 11.34
C LEU C 63 -0.26 -14.38 10.43
N GLY C 64 -0.79 -15.59 10.24
CA GLY C 64 -0.31 -16.51 9.19
C GLY C 64 -1.33 -16.51 8.08
N ALA C 65 -1.11 -17.32 7.06
CA ALA C 65 -2.09 -17.49 5.97
C ALA C 65 -2.27 -18.98 5.69
N GLY C 66 -3.37 -19.31 5.03
CA GLY C 66 -3.65 -20.71 4.65
C GLY C 66 -4.20 -21.54 5.81
N PRO C 67 -4.58 -22.80 5.56
CA PRO C 67 -5.01 -23.69 6.66
C PRO C 67 -3.98 -23.90 7.77
N GLY C 68 -4.47 -24.00 9.01
CA GLY C 68 -3.62 -24.16 10.19
C GLY C 68 -2.82 -22.90 10.52
N ALA C 69 -3.35 -21.73 10.16
CA ALA C 69 -2.66 -20.47 10.39
C ALA C 69 -2.96 -19.97 11.79
N VAL C 70 -1.89 -19.84 12.58
CA VAL C 70 -1.97 -19.27 13.90
C VAL C 70 -2.37 -17.81 13.71
N ASN C 71 -3.47 -17.39 14.32
CA ASN C 71 -3.76 -15.94 14.38
C ASN C 71 -3.86 -15.44 15.80
N LEU C 72 -2.94 -14.56 16.16
CA LEU C 72 -2.89 -14.04 17.52
C LEU C 72 -3.23 -12.56 17.54
N GLU C 73 -3.77 -12.08 18.66
CA GLU C 73 -4.09 -10.65 18.77
C GLU C 73 -4.02 -10.17 20.24
N TRP C 74 -3.53 -8.95 20.49
CA TRP C 74 -3.44 -8.39 21.86
C TRP C 74 -3.70 -6.91 21.83
N PRO C 75 -4.33 -6.39 22.90
CA PRO C 75 -4.40 -4.94 23.14
C PRO C 75 -2.99 -4.44 23.23
N LEU C 76 -2.68 -3.38 22.48
CA LEU C 76 -1.27 -2.86 22.47
C LEU C 76 -0.78 -2.59 23.86
N GLU C 77 -1.67 -2.07 24.71
CA GLU C 77 -1.24 -1.74 26.07
C GLU C 77 -0.85 -2.95 26.94
N SER C 78 -1.15 -4.16 26.49
CA SER C 78 -0.89 -5.37 27.26
C SER C 78 0.45 -5.99 26.88
N VAL C 79 1.13 -5.37 25.94
CA VAL C 79 2.37 -5.91 25.43
C VAL C 79 3.52 -5.02 25.83
N SER C 80 4.72 -5.59 26.02
CA SER C 80 5.96 -4.79 26.06
C SER C 80 6.67 -4.96 24.73
N TYR C 81 6.91 -3.86 24.03
CA TYR C 81 7.52 -3.93 22.73
C TYR C 81 8.92 -3.33 22.85
N THR C 82 9.98 -4.02 22.41
CA THR C 82 11.32 -3.41 22.51
C THR C 82 12.09 -3.43 21.24
N ILE C 83 12.79 -2.33 20.96
CA ILE C 83 13.66 -2.25 19.76
C ILE C 83 15.05 -2.72 20.17
N ARG C 84 15.56 -3.79 19.57
CA ARG C 84 16.88 -4.29 19.94
C ARG C 84 17.91 -3.67 19.01
N GLY C 85 17.52 -3.44 17.76
CA GLY C 85 18.34 -2.74 16.79
C GLY C 85 17.53 -2.51 15.54
N PRO C 86 18.18 -2.04 14.45
CA PRO C 86 17.56 -1.69 13.18
C PRO C 86 16.77 -2.80 12.53
N THR C 87 17.10 -4.09 12.76
CA THR C 87 16.30 -5.16 12.16
C THR C 87 15.68 -6.10 13.16
N GLN C 88 15.79 -5.82 14.44
CA GLN C 88 15.31 -6.80 15.39
C GLN C 88 14.51 -6.16 16.49
N HIS C 89 13.25 -6.61 16.65
CA HIS C 89 12.41 -6.14 17.75
C HIS C 89 12.04 -7.31 18.57
N GLU C 90 11.52 -7.06 19.74
CA GLU C 90 11.02 -8.13 20.61
C GLU C 90 9.67 -7.75 21.15
N LEU C 91 8.76 -8.70 21.07
CA LEU C 91 7.39 -8.50 21.48
C LEU C 91 7.10 -9.47 22.63
N GLN C 92 6.81 -8.89 23.80
CA GLN C 92 6.52 -9.70 24.97
C GLN C 92 5.02 -9.60 25.22
N PRO C 93 4.26 -10.67 24.87
CA PRO C 93 2.80 -10.78 25.00
C PRO C 93 2.44 -11.04 26.45
N PRO C 94 1.18 -10.77 26.81
CA PRO C 94 0.81 -10.98 28.21
C PRO C 94 0.79 -12.45 28.54
N PRO C 95 0.78 -12.79 29.83
CA PRO C 95 0.78 -14.21 30.13
C PRO C 95 -0.35 -15.00 29.54
N GLY C 96 -0.09 -16.26 29.20
CA GLY C 96 -1.18 -17.11 28.71
C GLY C 96 -1.12 -17.33 27.21
N GLY C 97 -0.16 -16.65 26.56
CA GLY C 97 0.13 -16.77 25.12
C GLY C 97 1.47 -17.40 24.80
N PRO C 98 2.06 -17.04 23.65
CA PRO C 98 3.30 -17.73 23.33
C PRO C 98 4.57 -17.44 24.14
N GLY C 99 4.62 -16.48 25.03
CA GLY C 99 5.97 -16.17 25.53
C GLY C 99 6.71 -15.22 24.56
N THR C 100 7.89 -14.78 24.95
CA THR C 100 8.57 -13.65 24.24
C THR C 100 8.88 -13.97 22.76
N LEU C 101 8.55 -13.07 21.82
CA LEU C 101 8.85 -13.32 20.42
C LEU C 101 9.95 -12.39 19.89
N SER C 102 10.92 -12.94 19.17
CA SER C 102 11.86 -12.09 18.49
C SER C 102 11.31 -11.94 17.08
N HIS C 104 12.32 -10.51 13.35
CA HIS C 104 13.47 -10.11 12.47
C HIS C 104 12.96 -9.65 11.19
N PHE C 105 13.27 -8.39 10.88
CA PHE C 105 12.83 -7.76 9.64
C PHE C 105 13.94 -7.94 8.57
N LEU C 106 13.56 -8.20 7.34
CA LEU C 106 14.48 -8.33 6.22
C LEU C 106 14.93 -6.95 5.71
N ASN C 107 14.16 -5.93 6.05
CA ASN C 107 14.35 -4.55 5.54
C ASN C 107 14.28 -3.57 6.69
N PRO C 108 15.39 -2.89 7.01
CA PRO C 108 15.50 -1.92 8.10
C PRO C 108 14.55 -0.73 7.93
N GLN C 109 14.29 -0.36 6.69
CA GLN C 109 13.35 0.76 6.46
C GLN C 109 11.92 0.35 6.85
N GLU C 110 11.61 -0.91 6.64
CA GLU C 110 10.35 -1.50 7.13
C GLU C 110 10.25 -1.53 8.64
N ALA C 111 11.35 -2.00 9.29
CA ALA C 111 11.42 -2.05 10.73
C ALA C 111 11.24 -0.62 11.28
N GLN C 112 11.90 0.37 10.66
CA GLN C 112 11.88 1.70 11.25
C GLN C 112 10.45 2.35 11.18
N ARG C 113 9.76 2.22 10.04
CA ARG C 113 8.43 2.81 9.83
C ARG C 113 7.54 2.20 10.88
N TRP C 114 7.72 0.89 11.08
CA TRP C 114 6.92 0.11 12.10
C TRP C 114 7.19 0.59 13.51
N ALA C 115 8.46 0.78 13.87
CA ALA C 115 8.80 1.16 15.22
C ALA C 115 8.23 2.56 15.48
N VAL C 116 8.33 3.45 14.48
CA VAL C 116 7.83 4.85 14.66
C VAL C 116 6.30 4.81 14.82
N LEU C 117 5.62 4.01 13.99
CA LEU C 117 4.17 3.88 14.13
C LEU C 117 3.77 3.33 15.48
N VAL C 118 4.44 2.27 15.95
CA VAL C 118 4.15 1.72 17.26
C VAL C 118 4.43 2.72 18.40
N ARG C 119 5.56 3.44 18.28
CA ARG C 119 5.78 4.51 19.25
C ARG C 119 4.59 5.52 19.28
N GLY C 120 4.11 5.98 18.10
CA GLY C 120 2.96 6.87 18.02
C GLY C 120 1.74 6.31 18.69
N ALA C 121 1.48 5.03 18.49
CA ALA C 121 0.33 4.40 19.07
C ALA C 121 0.32 4.16 20.58
N THR C 122 1.50 3.93 21.15
CA THR C 122 1.84 3.72 22.56
C THR C 122 1.60 4.94 23.42
N VAL C 123 1.94 6.11 22.92
CA VAL C 123 2.05 7.31 23.77
C VAL C 123 0.72 7.78 24.37
N LEU D 17 -30.14 -1.78 -2.57
CA LEU D 17 -28.83 -2.01 -1.86
C LEU D 17 -27.89 -2.73 -2.83
N GLY D 18 -26.68 -2.19 -3.04
CA GLY D 18 -25.62 -2.83 -3.86
C GLY D 18 -24.21 -2.77 -3.24
N SER D 19 -23.16 -3.07 -4.04
CA SER D 19 -21.73 -3.20 -3.56
C SER D 19 -20.53 -2.89 -4.55
N ALA D 20 -19.44 -2.25 -4.05
CA ALA D 20 -18.44 -1.58 -4.93
C ALA D 20 -16.97 -1.31 -4.47
N ALA D 21 -16.27 -2.34 -3.99
CA ALA D 21 -14.94 -2.21 -3.34
C ALA D 21 -13.76 -1.62 -4.19
N VAL D 22 -12.92 -0.71 -3.59
CA VAL D 22 -11.67 -0.16 -4.27
C VAL D 22 -10.43 -1.10 -4.49
N LEU D 23 -10.28 -1.56 -5.73
CA LEU D 23 -9.17 -2.44 -6.08
C LEU D 23 -7.75 -1.85 -6.00
N ALA D 25 -5.87 2.44 -5.84
CA ALA D 25 -5.92 3.89 -6.11
C ALA D 25 -4.57 4.40 -6.47
N VAL D 26 -4.49 5.39 -7.33
CA VAL D 26 -3.22 6.02 -7.63
C VAL D 26 -3.47 7.50 -7.76
N HIS D 27 -2.42 8.28 -7.87
CA HIS D 27 -2.58 9.73 -8.08
C HIS D 27 -1.79 10.24 -9.25
N ALA D 28 -2.37 11.15 -10.01
CA ALA D 28 -1.72 11.72 -11.17
C ALA D 28 -2.20 13.13 -11.38
N ALA D 29 -1.34 13.94 -12.02
CA ALA D 29 -1.76 15.25 -12.50
C ALA D 29 -2.53 15.14 -13.81
N VAL D 30 -3.78 15.62 -13.80
CA VAL D 30 -4.75 15.35 -14.80
C VAL D 30 -5.02 16.68 -15.51
N ARG D 31 -4.91 16.68 -16.83
CA ARG D 31 -5.28 17.84 -17.65
C ARG D 31 -6.26 17.45 -18.73
N PRO D 32 -7.30 18.28 -18.95
CA PRO D 32 -8.09 17.95 -20.14
C PRO D 32 -7.30 18.33 -21.41
N LEU D 33 -7.40 17.54 -22.47
CA LEU D 33 -6.64 17.83 -23.67
C LEU D 33 -7.32 18.93 -24.44
N GLY D 34 -8.65 18.91 -24.49
CA GLY D 34 -9.46 19.93 -25.15
C GLY D 34 -9.32 21.37 -24.61
N ALA D 35 -8.65 21.49 -23.48
CA ALA D 35 -8.31 22.78 -22.91
C ALA D 35 -6.99 23.31 -23.51
N GLY D 36 -6.32 22.49 -24.32
CA GLY D 36 -4.97 22.82 -24.81
C GLY D 36 -4.00 22.83 -23.64
N ALA D 39 -3.51 26.16 -19.59
CA ALA D 39 -4.13 24.82 -19.57
C ALA D 39 -3.62 24.00 -18.37
N GLU D 40 -4.08 24.33 -17.15
CA GLU D 40 -3.46 23.77 -15.93
C GLU D 40 -3.91 22.34 -15.48
N ALA D 41 -2.96 21.58 -14.95
CA ALA D 41 -3.22 20.19 -14.53
C ALA D 41 -3.32 20.09 -13.00
N GLN D 42 -4.29 19.34 -12.52
CA GLN D 42 -4.48 19.22 -11.08
C GLN D 42 -4.32 17.76 -10.68
N LEU D 43 -3.65 17.55 -9.57
CA LEU D 43 -3.47 16.23 -9.00
C LEU D 43 -4.82 15.68 -8.60
N ARG D 44 -5.08 14.41 -8.98
CA ARG D 44 -6.36 13.73 -8.72
C ARG D 44 -6.13 12.28 -8.28
N ARG D 45 -7.00 11.75 -7.42
CA ARG D 45 -6.92 10.32 -7.14
C ARG D 45 -7.70 9.63 -8.28
N LEU D 46 -7.08 8.65 -8.92
CA LEU D 46 -7.83 7.75 -9.82
C LEU D 46 -7.96 6.40 -9.09
N GLN D 47 -9.10 5.73 -9.21
CA GLN D 47 -9.22 4.41 -8.66
C GLN D 47 -10.08 3.46 -9.48
N LEU D 48 -9.79 2.19 -9.27
CA LEU D 48 -10.54 1.17 -9.95
C LEU D 48 -11.31 0.46 -8.81
N SER D 49 -12.59 0.22 -8.99
CA SER D 49 -13.38 -0.45 -7.95
C SER D 49 -14.36 -1.42 -8.64
N ALA D 50 -14.88 -2.43 -7.91
CA ALA D 50 -16.04 -3.23 -8.39
C ALA D 50 -17.15 -2.30 -8.75
N ASP D 51 -17.81 -2.60 -9.85
CA ASP D 51 -19.03 -1.94 -10.20
C ASP D 51 -20.21 -2.65 -9.48
N PRO D 52 -20.87 -1.93 -8.54
CA PRO D 52 -22.00 -2.40 -7.75
C PRO D 52 -23.22 -2.69 -8.59
N GLU D 53 -23.42 -1.94 -9.66
CA GLU D 53 -24.44 -2.23 -10.65
C GLU D 53 -24.14 -3.52 -11.39
N ARG D 54 -22.89 -3.73 -11.83
CA ARG D 54 -22.57 -4.91 -12.67
C ARG D 54 -21.52 -5.86 -12.08
N PRO D 55 -21.96 -6.91 -11.36
CA PRO D 55 -21.11 -7.99 -10.81
C PRO D 55 -20.16 -8.63 -11.83
N GLY D 56 -18.94 -8.94 -11.39
CA GLY D 56 -17.85 -9.30 -12.32
C GLY D 56 -17.10 -8.14 -12.99
N ARG D 57 -17.69 -6.94 -13.04
CA ARG D 57 -17.07 -5.83 -13.82
C ARG D 57 -16.48 -4.68 -12.94
N PHE D 58 -15.78 -3.73 -13.57
CA PHE D 58 -14.98 -2.73 -12.81
C PHE D 58 -15.35 -1.36 -13.27
N ARG D 59 -15.18 -0.36 -12.41
CA ARG D 59 -15.37 1.03 -12.87
C ARG D 59 -14.13 1.85 -12.56
N LEU D 60 -13.93 2.89 -13.34
CA LEU D 60 -12.82 3.78 -13.11
C LEU D 60 -13.45 5.07 -12.58
N GLU D 61 -12.89 5.60 -11.50
CA GLU D 61 -13.36 6.86 -10.96
C GLU D 61 -12.25 7.88 -10.92
N LEU D 62 -12.62 9.11 -11.19
CA LEU D 62 -11.69 10.22 -11.01
C LEU D 62 -12.31 11.13 -9.96
N LEU D 63 -11.73 11.13 -8.78
CA LEU D 63 -12.41 11.68 -7.60
C LEU D 63 -12.49 13.22 -7.69
N GLY D 64 -13.71 13.76 -7.57
CA GLY D 64 -13.91 15.19 -7.47
C GLY D 64 -13.72 16.03 -8.72
N ALA D 65 -13.65 15.40 -9.89
CA ALA D 65 -13.34 16.14 -11.12
C ALA D 65 -14.57 16.52 -11.93
N GLY D 66 -15.75 16.10 -11.49
CA GLY D 66 -16.99 16.43 -12.20
C GLY D 66 -17.54 17.80 -11.83
N PRO D 67 -18.64 18.22 -12.49
CA PRO D 67 -19.36 19.50 -12.34
C PRO D 67 -19.31 20.17 -10.97
N GLY D 68 -19.82 19.53 -9.92
CA GLY D 68 -19.90 20.17 -8.60
C GLY D 68 -18.88 19.58 -7.66
N ALA D 69 -17.65 19.47 -8.16
CA ALA D 69 -16.60 18.62 -7.59
C ALA D 69 -17.13 17.19 -7.33
N VAL D 70 -18.10 16.74 -8.15
CA VAL D 70 -18.57 15.34 -8.07
C VAL D 70 -17.53 14.38 -8.66
N ASN D 71 -17.74 13.07 -8.51
CA ASN D 71 -16.77 12.12 -9.06
C ASN D 71 -17.08 11.79 -10.47
N LEU D 72 -16.07 11.79 -11.33
CA LEU D 72 -16.31 11.21 -12.64
C LEU D 72 -16.22 9.69 -12.45
N GLU D 73 -17.14 8.94 -13.06
CA GLU D 73 -17.09 7.52 -12.95
C GLU D 73 -17.62 6.85 -14.22
N TRP D 74 -16.95 5.77 -14.66
CA TRP D 74 -17.33 5.07 -15.87
C TRP D 74 -17.09 3.62 -15.70
N PRO D 75 -17.95 2.81 -16.34
CA PRO D 75 -17.67 1.41 -16.53
C PRO D 75 -16.42 1.37 -17.36
N LEU D 76 -15.57 0.42 -17.03
CA LEU D 76 -14.26 0.39 -17.56
C LEU D 76 -14.32 0.12 -19.04
N GLU D 77 -15.26 -0.73 -19.46
CA GLU D 77 -15.40 -1.02 -20.89
C GLU D 77 -15.86 0.17 -21.74
N SER D 78 -16.31 1.26 -21.13
CA SER D 78 -16.69 2.45 -21.87
C SER D 78 -15.61 3.45 -22.14
N VAL D 79 -14.39 3.10 -21.73
CA VAL D 79 -13.28 4.03 -21.70
C VAL D 79 -12.17 3.46 -22.60
N SER D 80 -11.32 4.31 -23.18
CA SER D 80 -10.13 3.80 -23.89
C SER D 80 -8.96 4.41 -23.16
N TYR D 81 -7.97 3.58 -22.86
CA TYR D 81 -6.91 4.03 -21.98
C TYR D 81 -5.63 3.76 -22.71
N THR D 82 -4.74 4.74 -22.86
CA THR D 82 -3.46 4.44 -23.53
C THR D 82 -2.28 4.91 -22.74
N ILE D 83 -1.20 4.17 -22.90
CA ILE D 83 0.08 4.57 -22.32
C ILE D 83 0.89 5.33 -23.37
N ARG D 84 1.19 6.60 -23.12
CA ARG D 84 2.03 7.39 -24.04
C ARG D 84 3.51 7.29 -23.68
N GLY D 85 3.82 7.08 -22.40
CA GLY D 85 5.22 6.93 -21.99
C GLY D 85 5.19 6.39 -20.55
N PRO D 86 6.36 6.10 -19.94
CA PRO D 86 6.37 5.62 -18.55
C PRO D 86 5.64 6.48 -17.51
N THR D 87 5.64 7.80 -17.60
CA THR D 87 4.88 8.59 -16.62
C THR D 87 3.66 9.33 -17.26
N GLN D 88 3.30 9.00 -18.51
CA GLN D 88 2.21 9.70 -19.20
C GLN D 88 1.15 8.80 -19.80
N HIS D 89 -0.06 8.90 -19.28
CA HIS D 89 -1.16 8.10 -19.83
C HIS D 89 -2.20 9.03 -20.41
N GLU D 90 -3.11 8.51 -21.25
CA GLU D 90 -4.26 9.30 -21.62
C GLU D 90 -5.45 8.43 -21.52
N LEU D 91 -6.57 9.06 -21.21
CA LEU D 91 -7.82 8.34 -21.11
C LEU D 91 -8.88 8.98 -21.99
N GLN D 92 -9.66 8.16 -22.68
CA GLN D 92 -10.74 8.67 -23.49
C GLN D 92 -12.08 8.21 -22.86
N PRO D 93 -12.78 9.11 -22.15
CA PRO D 93 -14.07 8.81 -21.46
C PRO D 93 -15.14 8.63 -22.50
N PRO D 94 -16.28 8.00 -22.14
CA PRO D 94 -17.31 7.94 -23.19
C PRO D 94 -17.86 9.34 -23.44
N PRO D 95 -18.67 9.53 -24.50
CA PRO D 95 -19.21 10.89 -24.67
C PRO D 95 -20.03 11.38 -23.47
N GLY D 96 -20.10 12.69 -23.33
CA GLY D 96 -20.82 13.32 -22.23
C GLY D 96 -19.85 13.82 -21.18
N GLY D 97 -18.62 13.31 -21.25
CA GLY D 97 -17.63 13.59 -20.26
C GLY D 97 -16.71 14.73 -20.64
N PRO D 98 -15.56 14.83 -19.96
CA PRO D 98 -14.65 15.96 -20.11
C PRO D 98 -13.86 15.97 -21.42
N GLY D 99 -14.05 14.98 -22.28
CA GLY D 99 -13.15 14.81 -23.42
C GLY D 99 -11.89 14.06 -22.94
N THR D 100 -10.97 13.78 -23.89
CA THR D 100 -9.65 13.15 -23.59
C THR D 100 -8.92 13.83 -22.41
N LEU D 101 -8.41 13.04 -21.46
CA LEU D 101 -7.68 13.51 -20.33
C LEU D 101 -6.24 12.99 -20.37
N SER D 102 -5.30 13.84 -19.95
CA SER D 102 -3.92 13.46 -19.87
C SER D 102 -3.59 13.26 -18.41
N HIS D 104 -0.34 12.65 -15.81
CA HIS D 104 1.12 12.64 -15.64
C HIS D 104 1.44 12.06 -14.29
N PHE D 105 2.20 10.95 -14.26
CA PHE D 105 2.56 10.35 -12.98
C PHE D 105 3.89 10.82 -12.38
N LEU D 106 3.78 11.11 -11.11
CA LEU D 106 4.88 11.32 -10.17
C LEU D 106 5.93 10.21 -10.34
N ASN D 107 5.52 8.93 -10.31
CA ASN D 107 6.51 7.94 -10.63
C ASN D 107 6.15 6.76 -11.47
N PRO D 108 7.11 6.38 -12.29
CA PRO D 108 6.89 5.45 -13.35
C PRO D 108 6.41 4.10 -12.85
N GLN D 109 6.86 3.68 -11.66
CA GLN D 109 6.45 2.37 -11.19
C GLN D 109 4.96 2.36 -10.77
N GLU D 110 4.47 3.42 -10.10
CA GLU D 110 3.00 3.57 -9.86
C GLU D 110 2.18 3.60 -11.18
N ALA D 111 2.60 4.39 -12.17
CA ALA D 111 1.93 4.44 -13.48
C ALA D 111 1.84 3.06 -14.11
N GLN D 112 2.92 2.28 -14.03
CA GLN D 112 2.92 1.02 -14.75
C GLN D 112 2.07 -0.07 -14.06
N ARG D 113 2.09 -0.08 -12.72
CA ARG D 113 1.20 -0.99 -11.97
C ARG D 113 -0.22 -0.61 -12.33
N TRP D 114 -0.50 0.69 -12.31
CA TRP D 114 -1.86 1.16 -12.66
C TRP D 114 -2.31 0.70 -14.04
N ALA D 115 -1.44 0.88 -15.02
CA ALA D 115 -1.74 0.51 -16.43
C ALA D 115 -2.06 -0.94 -16.60
N VAL D 116 -1.29 -1.79 -15.95
CA VAL D 116 -1.44 -3.25 -16.09
C VAL D 116 -2.69 -3.66 -15.36
N LEU D 117 -2.96 -3.03 -14.20
CA LEU D 117 -4.19 -3.31 -13.55
C LEU D 117 -5.40 -2.92 -14.41
N VAL D 118 -5.31 -1.75 -15.02
CA VAL D 118 -6.46 -1.30 -15.87
C VAL D 118 -6.63 -2.33 -16.97
N ARG D 119 -5.53 -2.80 -17.53
CA ARG D 119 -5.62 -3.81 -18.61
C ARG D 119 -6.24 -5.10 -18.09
N GLY D 120 -5.75 -5.62 -16.95
CA GLY D 120 -6.36 -6.81 -16.40
C GLY D 120 -7.81 -6.70 -16.03
N ALA D 121 -8.23 -5.54 -15.54
CA ALA D 121 -9.65 -5.38 -15.17
C ALA D 121 -10.55 -5.36 -16.41
N THR D 122 -9.97 -4.99 -17.53
CA THR D 122 -10.71 -4.78 -18.80
C THR D 122 -11.02 -6.11 -19.48
N VAL D 123 -10.03 -7.02 -19.52
CA VAL D 123 -10.28 -8.46 -19.80
C VAL D 123 -11.50 -9.03 -19.08
#